data_8HUE
#
_entry.id   8HUE
#
_cell.length_a   51.381
_cell.length_b   54.446
_cell.length_c   71.968
_cell.angle_alpha   90.000
_cell.angle_beta   101.460
_cell.angle_gamma   90.000
#
_symmetry.space_group_name_H-M   'P 1 21 1'
#
loop_
_entity.id
_entity.type
_entity.pdbx_description
1 polymer 'Fibroblast growth factor 2'
2 branched 1,3,4,6-tetra-O-sulfo-beta-D-fructofuranose-(2-1)-2,3,4,6-tetra-O-sulfonato-alpha-D-glucopyranose
3 water water
#
_entity_poly.entity_id   1
_entity_poly.type   'polypeptide(L)'
_entity_poly.pdbx_seq_one_letter_code
;MPALPEDGGSGAFPPGHFKEPKRLYCKNGGFFLRIHPDGRVDGVREKSDPHIKLQLQAEERGVVSIKGVIANRYLAMKED
GRLLASKIVTDECFFFERLESNNYNTYRSRKYTSWYVALKRTGQYKLGPKTGPGQKAILFLPMSAKS
;
_entity_poly.pdbx_strand_id   A,B,C
#
loop_
_chem_comp.id
_chem_comp.type
_chem_comp.name
_chem_comp.formula
GU4 D-saccharide, alpha linking 2,3,4,6-tetra-O-sulfonato-alpha-D-glucopyranose 'C6 H12 O18 S4'
YYJ D-saccharide, beta linking 1,3,4,6-tetra-O-sulfo-beta-D-fructofuranose 'C6 H12 O18 S4'
#
# COMPACT_ATOMS: atom_id res chain seq x y z
N ALA A 12 -11.04 -8.59 32.83
CA ALA A 12 -11.51 -9.32 31.65
C ALA A 12 -12.66 -8.56 31.01
N PHE A 13 -12.77 -8.66 29.66
CA PHE A 13 -13.82 -7.97 28.91
C PHE A 13 -15.09 -8.81 28.94
N PRO A 14 -16.27 -8.15 28.90
CA PRO A 14 -17.54 -8.87 29.00
C PRO A 14 -17.90 -9.56 27.71
N PRO A 15 -18.92 -10.44 27.71
CA PRO A 15 -19.38 -11.02 26.44
C PRO A 15 -19.70 -10.01 25.34
N GLY A 16 -20.19 -8.81 25.69
CA GLY A 16 -20.53 -7.80 24.68
C GLY A 16 -19.38 -7.31 23.80
N HIS A 17 -18.15 -7.35 24.33
CA HIS A 17 -16.96 -7.00 23.57
C HIS A 17 -16.85 -7.77 22.27
N PHE A 18 -17.41 -9.00 22.22
CA PHE A 18 -17.24 -9.92 21.11
C PHE A 18 -18.46 -10.02 20.20
N LYS A 19 -19.54 -9.30 20.51
CA LYS A 19 -20.82 -9.48 19.83
C LYS A 19 -20.95 -8.62 18.58
N GLU A 20 -20.26 -7.50 18.52
CA GLU A 20 -20.33 -6.61 17.38
C GLU A 20 -18.90 -6.30 16.93
N PRO A 21 -18.73 -5.96 15.65
CA PRO A 21 -17.41 -5.53 15.17
C PRO A 21 -16.94 -4.23 15.80
N LYS A 22 -15.63 -4.03 15.67
CA LYS A 22 -14.97 -2.91 16.31
C LYS A 22 -13.97 -2.27 15.36
N ARG A 23 -13.69 -1.01 15.63
CA ARG A 23 -12.52 -0.34 15.09
C ARG A 23 -11.50 -0.28 16.22
N LEU A 24 -10.20 -0.45 15.90
CA LEU A 24 -9.15 -0.38 16.94
C LEU A 24 -8.32 0.87 16.64
N TYR A 25 -8.42 1.86 17.50
CA TYR A 25 -7.77 3.14 17.30
C TYR A 25 -6.41 3.16 18.00
N CYS A 26 -5.32 3.37 17.25
CA CYS A 26 -3.99 3.35 17.82
C CYS A 26 -3.60 4.74 18.29
N LYS A 27 -3.13 4.82 19.55
CA LYS A 27 -2.61 6.05 20.14
C LYS A 27 -1.47 6.66 19.34
N ASN A 28 -0.72 5.87 18.61
CA ASN A 28 0.49 6.33 17.92
C ASN A 28 0.23 6.90 16.53
N GLY A 29 -0.30 8.11 16.47
CA GLY A 29 -0.68 8.74 15.21
C GLY A 29 -2.17 8.77 14.91
N GLY A 30 -2.99 8.15 15.76
CA GLY A 30 -4.42 8.14 15.53
C GLY A 30 -4.85 7.28 14.39
N PHE A 31 -4.10 6.20 14.14
CA PHE A 31 -4.45 5.31 13.07
C PHE A 31 -5.39 4.22 13.56
N PHE A 32 -6.41 3.96 12.78
CA PHE A 32 -7.19 2.72 12.93
C PHE A 32 -6.46 1.55 12.29
N LEU A 33 -6.47 0.41 12.97
CA LEU A 33 -5.81 -0.77 12.44
C LEU A 33 -6.62 -1.29 11.25
N ARG A 34 -5.93 -1.52 10.15
CA ARG A 34 -6.56 -1.88 8.88
C ARG A 34 -6.04 -3.23 8.43
N ILE A 35 -6.95 -4.10 8.00
CA ILE A 35 -6.61 -5.39 7.46
C ILE A 35 -7.17 -5.39 6.05
N HIS A 36 -6.33 -5.35 5.12
CA HIS A 36 -6.73 -5.14 3.74
C HIS A 36 -6.94 -6.47 3.01
N PRO A 37 -7.87 -6.54 2.05
CA PRO A 37 -8.04 -7.78 1.29
C PRO A 37 -6.79 -8.21 0.58
N ASP A 38 -5.88 -7.28 0.29
CA ASP A 38 -4.66 -7.58 -0.42
C ASP A 38 -3.58 -8.18 0.48
N GLY A 39 -3.90 -8.41 1.77
CA GLY A 39 -3.04 -9.04 2.76
C GLY A 39 -2.30 -8.07 3.68
N ARG A 40 -2.31 -6.80 3.36
CA ARG A 40 -1.56 -5.83 4.14
C ARG A 40 -2.24 -5.52 5.47
N VAL A 41 -1.41 -5.31 6.50
CA VAL A 41 -1.87 -4.84 7.81
C VAL A 41 -1.16 -3.53 8.04
N ASP A 42 -1.93 -2.49 8.31
CA ASP A 42 -1.32 -1.17 8.46
C ASP A 42 -2.30 -0.26 9.19
N GLY A 43 -2.04 1.05 9.17
CA GLY A 43 -2.91 2.00 9.86
C GLY A 43 -3.45 3.07 8.91
N VAL A 44 -4.65 3.54 9.19
CA VAL A 44 -5.22 4.64 8.40
C VAL A 44 -6.03 5.52 9.35
N ARG A 45 -5.91 6.86 9.17
CA ARG A 45 -6.67 7.75 10.05
C ARG A 45 -8.15 7.83 9.71
N GLU A 46 -8.56 7.54 8.47
CA GLU A 46 -9.93 7.76 8.02
C GLU A 46 -10.89 6.74 8.61
N LYS A 47 -11.87 7.24 9.39
CA LYS A 47 -12.80 6.37 10.12
C LYS A 47 -13.80 5.68 9.20
N SER A 48 -13.97 6.14 7.98
CA SER A 48 -14.91 5.48 7.08
C SER A 48 -14.27 4.41 6.21
N ASP A 49 -12.95 4.15 6.37
CA ASP A 49 -12.29 3.16 5.56
C ASP A 49 -12.97 1.80 5.76
N PRO A 50 -13.34 1.09 4.70
CA PRO A 50 -14.09 -0.17 4.90
C PRO A 50 -13.28 -1.26 5.59
N HIS A 51 -11.97 -1.16 5.56
CA HIS A 51 -11.12 -2.27 5.96
C HIS A 51 -10.66 -2.17 7.41
N ILE A 52 -11.20 -1.22 8.17
CA ILE A 52 -10.89 -1.07 9.59
C ILE A 52 -12.00 -1.64 10.48
N LYS A 53 -13.06 -2.21 9.89
CA LYS A 53 -14.08 -2.91 10.68
C LYS A 53 -13.57 -4.32 10.96
N LEU A 54 -13.32 -4.61 12.24
CA LEU A 54 -12.65 -5.84 12.67
C LEU A 54 -13.57 -6.62 13.58
N GLN A 55 -13.45 -7.93 13.53
CA GLN A 55 -14.20 -8.80 14.44
C GLN A 55 -13.22 -9.47 15.38
N LEU A 56 -13.37 -9.22 16.69
CA LEU A 56 -12.56 -9.90 17.70
C LEU A 56 -13.32 -11.16 18.10
N GLN A 57 -12.60 -12.25 18.23
CA GLN A 57 -13.21 -13.52 18.59
C GLN A 57 -12.39 -14.11 19.73
N ALA A 58 -13.08 -14.50 20.81
CA ALA A 58 -12.38 -15.12 21.93
C ALA A 58 -12.01 -16.57 21.60
N GLU A 59 -10.74 -16.89 21.75
CA GLU A 59 -10.24 -18.24 21.52
C GLU A 59 -10.25 -19.04 22.83
N GLU A 60 -10.09 -18.32 23.93
CA GLU A 60 -10.10 -18.78 25.33
C GLU A 60 -10.05 -17.50 26.17
N ARG A 61 -10.11 -17.61 27.49
CA ARG A 61 -10.15 -16.40 28.31
C ARG A 61 -8.93 -15.54 28.06
N GLY A 62 -9.19 -14.31 27.67
CA GLY A 62 -8.14 -13.34 27.50
C GLY A 62 -7.35 -13.44 26.22
N VAL A 63 -7.74 -14.29 25.27
CA VAL A 63 -7.00 -14.52 24.03
C VAL A 63 -7.98 -14.29 22.91
N VAL A 64 -7.55 -13.52 21.89
CA VAL A 64 -8.41 -13.19 20.75
C VAL A 64 -7.71 -13.47 19.43
N SER A 65 -8.52 -13.73 18.42
CA SER A 65 -8.13 -13.51 17.02
C SER A 65 -8.79 -12.23 16.56
N ILE A 66 -8.20 -11.60 15.52
CA ILE A 66 -8.64 -10.30 15.03
C ILE A 66 -8.84 -10.45 13.52
N LYS A 67 -10.08 -10.37 13.07
CA LYS A 67 -10.41 -10.63 11.67
C LYS A 67 -10.90 -9.38 11.00
N GLY A 68 -10.33 -9.10 9.83
CA GLY A 68 -10.82 -8.00 8.99
C GLY A 68 -12.10 -8.46 8.33
N VAL A 69 -13.21 -7.78 8.61
CA VAL A 69 -14.52 -8.28 8.14
C VAL A 69 -14.58 -8.30 6.61
N ILE A 70 -14.22 -7.18 5.96
CA ILE A 70 -14.30 -7.11 4.50
C ILE A 70 -13.20 -7.95 3.85
N ALA A 71 -11.99 -7.94 4.43
CA ALA A 71 -10.89 -8.73 3.90
C ALA A 71 -11.12 -10.24 4.04
N ASN A 72 -11.89 -10.66 5.03
CA ASN A 72 -12.00 -12.08 5.36
C ASN A 72 -10.63 -12.69 5.68
N ARG A 73 -9.81 -11.96 6.45
CA ARG A 73 -8.48 -12.43 6.77
C ARG A 73 -8.21 -12.10 8.23
N TYR A 74 -7.38 -12.93 8.85
CA TYR A 74 -7.06 -12.79 10.27
C TYR A 74 -5.67 -12.22 10.46
N LEU A 75 -5.54 -11.31 11.41
CA LEU A 75 -4.23 -10.76 11.72
C LEU A 75 -3.27 -11.86 12.21
N ALA A 76 -2.06 -11.92 11.63
CA ALA A 76 -1.08 -12.89 12.08
C ALA A 76 0.22 -12.15 12.31
N MET A 77 0.96 -12.57 13.33
CA MET A 77 2.33 -12.10 13.55
C MET A 77 3.27 -13.26 13.25
N LYS A 78 4.22 -13.04 12.36
CA LYS A 78 5.17 -14.05 11.90
C LYS A 78 6.43 -14.08 12.81
N GLU A 79 7.24 -15.11 12.60
CA GLU A 79 8.41 -15.35 13.45
C GLU A 79 9.48 -14.27 13.37
N ASP A 80 9.50 -13.46 12.31
CA ASP A 80 10.38 -12.29 12.21
C ASP A 80 9.71 -11.01 12.67
N GLY A 81 8.47 -11.10 13.15
CA GLY A 81 7.76 -9.94 13.65
C GLY A 81 6.88 -9.19 12.66
N ARG A 82 6.77 -9.60 11.38
CA ARG A 82 5.86 -8.91 10.45
C ARG A 82 4.42 -9.21 10.85
N LEU A 83 3.52 -8.25 10.52
CA LEU A 83 2.08 -8.49 10.53
C LEU A 83 1.59 -8.71 9.11
N LEU A 84 0.72 -9.69 8.94
CA LEU A 84 0.05 -9.82 7.66
C LEU A 84 -1.35 -10.34 7.94
N ALA A 85 -2.17 -10.39 6.90
CA ALA A 85 -3.54 -10.86 7.08
C ALA A 85 -3.65 -12.19 6.36
N SER A 86 -4.02 -13.23 7.11
CA SER A 86 -3.99 -14.62 6.69
C SER A 86 -5.38 -15.17 6.42
N LYS A 87 -5.51 -15.94 5.34
CA LYS A 87 -6.79 -16.53 5.03
C LYS A 87 -7.17 -17.59 6.05
N ILE A 88 -6.19 -18.30 6.60
CA ILE A 88 -6.51 -19.38 7.53
C ILE A 88 -6.09 -18.94 8.92
N VAL A 89 -6.84 -19.42 9.90
CA VAL A 89 -6.48 -19.26 11.30
C VAL A 89 -5.35 -20.23 11.63
N THR A 90 -4.21 -19.70 12.04
CA THR A 90 -3.08 -20.49 12.51
C THR A 90 -2.70 -20.04 13.93
N ASP A 91 -1.72 -20.72 14.52
CA ASP A 91 -1.29 -20.37 15.88
C ASP A 91 -0.62 -19.02 15.94
N GLU A 92 -0.32 -18.41 14.81
CA GLU A 92 0.25 -17.06 14.78
C GLU A 92 -0.83 -15.97 14.82
N CYS A 93 -2.11 -16.37 14.91
CA CYS A 93 -3.24 -15.46 14.83
C CYS A 93 -3.89 -15.19 16.19
N PHE A 94 -3.23 -15.55 17.28
CA PHE A 94 -3.81 -15.43 18.62
C PHE A 94 -2.99 -14.48 19.48
N PHE A 95 -3.70 -13.62 20.19
CA PHE A 95 -3.11 -12.53 20.97
C PHE A 95 -3.76 -12.43 22.33
N PHE A 96 -2.92 -12.20 23.34
CA PHE A 96 -3.43 -11.84 24.66
C PHE A 96 -3.97 -10.41 24.58
N GLU A 97 -5.23 -10.21 24.92
CA GLU A 97 -5.87 -8.89 24.98
C GLU A 97 -5.88 -8.42 26.41
N ARG A 98 -5.25 -7.27 26.69
CA ARG A 98 -5.18 -6.76 28.05
C ARG A 98 -5.56 -5.29 28.07
N LEU A 99 -6.38 -4.90 29.04
CA LEU A 99 -6.68 -3.49 29.28
C LEU A 99 -5.57 -2.90 30.12
N GLU A 100 -4.99 -1.79 29.66
CA GLU A 100 -3.95 -1.15 30.44
C GLU A 100 -4.54 -0.05 31.30
N SER A 101 -3.69 0.58 32.13
CA SER A 101 -4.15 1.57 33.09
C SER A 101 -4.60 2.86 32.42
N ASN A 102 -4.13 3.12 31.20
CA ASN A 102 -4.54 4.31 30.48
C ASN A 102 -5.81 4.07 29.65
N ASN A 103 -6.49 2.95 29.89
CA ASN A 103 -7.74 2.52 29.29
C ASN A 103 -7.63 2.17 27.80
N TYR A 104 -6.45 2.09 27.27
CA TYR A 104 -6.18 1.46 25.97
C TYR A 104 -5.84 0.00 26.20
N ASN A 105 -5.96 -0.81 25.14
CA ASN A 105 -5.59 -2.23 25.22
C ASN A 105 -4.27 -2.51 24.54
N THR A 106 -3.65 -3.62 24.90
CA THR A 106 -2.55 -4.20 24.14
C THR A 106 -2.91 -5.61 23.66
N TYR A 107 -2.25 -6.04 22.59
CA TYR A 107 -2.46 -7.35 21.93
C TYR A 107 -1.10 -8.00 21.78
N ARG A 108 -0.77 -8.92 22.65
CA ARG A 108 0.57 -9.52 22.72
C ARG A 108 0.51 -10.91 22.13
N SER A 109 1.44 -11.24 21.24
CA SER A 109 1.40 -12.54 20.58
C SER A 109 1.44 -13.68 21.60
N ARG A 110 0.50 -14.62 21.46
CA ARG A 110 0.57 -15.83 22.30
C ARG A 110 1.71 -16.75 21.89
N LYS A 111 2.20 -16.66 20.64
CA LYS A 111 3.28 -17.49 20.16
C LYS A 111 4.65 -16.87 20.39
N TYR A 112 4.80 -15.60 20.08
CA TYR A 112 6.05 -14.87 20.28
C TYR A 112 5.78 -13.89 21.41
N THR A 113 5.98 -14.38 22.63
CA THR A 113 5.32 -13.83 23.80
C THR A 113 5.91 -12.51 24.31
N SER A 114 6.97 -12.01 23.68
CA SER A 114 7.50 -10.70 24.01
C SER A 114 7.03 -9.61 23.04
N TRP A 115 6.29 -9.98 22.01
CA TRP A 115 6.02 -9.04 20.92
C TRP A 115 4.55 -8.65 20.86
N TYR A 116 4.30 -7.41 20.44
CA TYR A 116 2.96 -6.82 20.43
C TYR A 116 2.56 -6.44 19.01
N VAL A 117 1.26 -6.54 18.73
CA VAL A 117 0.70 -5.82 17.56
C VAL A 117 0.95 -4.34 17.76
N ALA A 118 1.43 -3.62 16.72
CA ALA A 118 1.86 -2.24 16.91
C ALA A 118 1.91 -1.54 15.55
N LEU A 119 1.66 -0.23 15.60
CA LEU A 119 1.78 0.64 14.42
C LEU A 119 2.79 1.72 14.73
N LYS A 120 3.62 2.00 13.72
CA LYS A 120 4.56 3.13 13.78
C LYS A 120 3.83 4.43 13.49
N ARG A 121 4.52 5.55 13.81
CA ARG A 121 3.96 6.87 13.57
C ARG A 121 3.78 7.16 12.08
N THR A 122 4.40 6.38 11.20
CA THR A 122 4.22 6.49 9.76
C THR A 122 2.96 5.79 9.26
N GLY A 123 2.31 4.99 10.08
CA GLY A 123 1.20 4.16 9.65
C GLY A 123 1.57 2.74 9.29
N GLN A 124 2.83 2.43 9.09
CA GLN A 124 3.19 1.04 8.82
C GLN A 124 3.20 0.27 10.13
N TYR A 125 2.97 -1.05 10.05
CA TYR A 125 3.14 -1.86 11.26
C TYR A 125 4.57 -1.75 11.79
N LYS A 126 4.72 -1.97 13.09
CA LYS A 126 6.03 -2.00 13.74
C LYS A 126 6.45 -3.45 13.94
N LEU A 127 7.65 -3.82 13.49
CA LEU A 127 8.08 -5.22 13.62
C LEU A 127 8.13 -5.62 15.10
N GLY A 128 7.65 -6.84 15.34
CA GLY A 128 7.62 -7.43 16.69
C GLY A 128 8.81 -7.16 17.58
N PRO A 129 10.03 -7.48 17.11
CA PRO A 129 11.22 -7.32 17.98
C PRO A 129 11.48 -5.87 18.41
N LYS A 130 10.89 -4.87 17.74
CA LYS A 130 11.05 -3.47 18.15
C LYS A 130 9.94 -3.02 19.09
N THR A 131 8.96 -3.87 19.40
CA THR A 131 7.86 -3.48 20.27
C THR A 131 8.23 -3.78 21.71
N GLY A 132 7.46 -3.24 22.64
CA GLY A 132 7.67 -3.52 24.05
C GLY A 132 6.72 -2.72 24.88
N PRO A 133 6.62 -3.06 26.17
CA PRO A 133 5.66 -2.35 27.04
C PRO A 133 6.01 -0.87 27.15
N GLY A 134 4.99 -0.06 27.38
CA GLY A 134 5.22 1.37 27.51
C GLY A 134 5.27 2.17 26.24
N GLN A 135 5.24 1.55 25.05
CA GLN A 135 5.31 2.29 23.81
C GLN A 135 3.92 2.75 23.38
N LYS A 136 3.83 3.93 22.76
CA LYS A 136 2.56 4.37 22.20
C LYS A 136 2.10 3.44 21.09
N ALA A 137 3.09 2.85 20.37
CA ALA A 137 2.83 2.01 19.20
C ALA A 137 1.94 0.83 19.51
N ILE A 138 1.96 0.32 20.76
CA ILE A 138 1.26 -0.93 21.09
C ILE A 138 -0.15 -0.73 21.63
N LEU A 139 -0.61 0.52 21.77
CA LEU A 139 -1.84 0.83 22.48
C LEU A 139 -3.01 1.08 21.51
N PHE A 140 -4.06 0.27 21.63
CA PHE A 140 -5.22 0.36 20.75
C PHE A 140 -6.49 0.45 21.55
N LEU A 141 -7.40 1.32 21.14
CA LEU A 141 -8.67 1.50 21.82
C LEU A 141 -9.79 0.92 20.98
N PRO A 142 -10.46 -0.14 21.45
CA PRO A 142 -11.60 -0.67 20.70
C PRO A 142 -12.78 0.25 20.83
N MET A 143 -13.48 0.43 19.74
CA MET A 143 -14.67 1.28 19.71
C MET A 143 -15.66 0.77 18.68
N SER A 144 -16.86 1.33 18.71
CA SER A 144 -17.90 0.92 17.77
C SER A 144 -17.44 1.00 16.31
N ALA A 145 -17.88 0.01 15.50
CA ALA A 145 -17.63 0.00 14.06
C ALA A 145 -18.73 0.68 13.25
N LYS A 146 -19.78 1.17 13.90
CA LYS A 146 -20.91 1.80 13.22
C LYS A 146 -20.48 3.13 12.60
N PHE B 18 7.06 14.74 10.69
CA PHE B 18 5.92 15.00 11.58
C PHE B 18 6.40 15.38 12.98
N LYS B 19 5.42 15.73 13.82
CA LYS B 19 5.56 16.32 15.15
C LYS B 19 5.62 17.84 15.06
N GLU B 20 6.70 18.33 14.68
CA GLU B 20 6.81 19.77 14.66
C GLU B 20 6.25 20.32 13.35
N PRO B 21 5.78 21.56 13.39
CA PRO B 21 5.39 22.25 12.14
C PRO B 21 6.63 22.48 11.27
N LYS B 22 6.36 22.69 9.98
CA LYS B 22 7.40 22.77 8.97
C LYS B 22 7.09 23.90 8.01
N ARG B 23 8.12 24.40 7.40
CA ARG B 23 8.05 25.22 6.19
C ARG B 23 8.41 24.32 5.01
N LEU B 24 7.75 24.53 3.86
CA LEU B 24 8.04 23.72 2.67
C LEU B 24 8.63 24.67 1.63
N TYR B 25 9.93 24.51 1.34
CA TYR B 25 10.68 25.40 0.45
C TYR B 25 10.67 24.83 -0.97
N CYS B 26 10.13 25.57 -1.93
CA CYS B 26 10.01 25.08 -3.29
C CYS B 26 11.26 25.46 -4.06
N LYS B 27 11.81 24.48 -4.78
CA LYS B 27 12.98 24.73 -5.62
C LYS B 27 12.70 25.83 -6.64
N ASN B 28 11.47 25.90 -7.16
CA ASN B 28 11.12 26.83 -8.22
C ASN B 28 10.87 28.19 -7.60
N GLY B 29 11.82 29.11 -7.75
CA GLY B 29 11.67 30.46 -7.23
C GLY B 29 12.06 30.66 -5.77
N GLY B 30 12.37 29.57 -5.04
CA GLY B 30 12.68 29.69 -3.62
C GLY B 30 11.50 30.14 -2.80
N PHE B 31 10.28 29.76 -3.23
CA PHE B 31 9.09 30.19 -2.49
C PHE B 31 8.79 29.14 -1.42
N PHE B 32 8.44 29.61 -0.25
CA PHE B 32 7.77 28.75 0.75
C PHE B 32 6.28 28.64 0.42
N LEU B 33 5.74 27.45 0.61
CA LEU B 33 4.32 27.23 0.35
C LEU B 33 3.49 27.96 1.40
N ARG B 34 2.50 28.74 0.96
CA ARG B 34 1.74 29.58 1.87
C ARG B 34 0.24 29.29 1.74
N ILE B 35 -0.44 29.18 2.87
CA ILE B 35 -1.87 28.89 2.92
C ILE B 35 -2.53 30.01 3.69
N HIS B 36 -3.42 30.71 3.03
CA HIS B 36 -4.09 31.89 3.57
C HIS B 36 -5.44 31.53 4.18
N PRO B 37 -5.93 32.28 5.19
CA PRO B 37 -7.27 32.01 5.75
C PRO B 37 -8.42 32.13 4.75
N ASP B 38 -8.26 32.86 3.63
CA ASP B 38 -9.32 32.93 2.63
C ASP B 38 -9.32 31.74 1.68
N GLY B 39 -8.40 30.79 1.88
CA GLY B 39 -8.33 29.61 1.04
C GLY B 39 -7.30 29.66 -0.05
N ARG B 40 -6.68 30.81 -0.31
CA ARG B 40 -5.66 30.86 -1.34
C ARG B 40 -4.43 30.07 -0.93
N VAL B 41 -3.81 29.45 -1.93
CA VAL B 41 -2.53 28.77 -1.78
C VAL B 41 -1.56 29.40 -2.81
N ASP B 42 -0.37 29.78 -2.35
CA ASP B 42 0.60 30.43 -3.24
C ASP B 42 1.98 30.30 -2.60
N GLY B 43 2.94 31.09 -3.09
CA GLY B 43 4.30 31.02 -2.58
C GLY B 43 4.81 32.39 -2.15
N VAL B 44 5.70 32.38 -1.16
CA VAL B 44 6.35 33.64 -0.76
C VAL B 44 7.79 33.34 -0.36
N ARG B 45 8.75 34.23 -0.71
CA ARG B 45 10.14 33.92 -0.34
C ARG B 45 10.47 34.21 1.13
N GLU B 46 9.74 35.12 1.78
CA GLU B 46 10.12 35.56 3.12
C GLU B 46 9.81 34.50 4.18
N LYS B 47 10.87 34.06 4.90
CA LYS B 47 10.75 32.96 5.87
C LYS B 47 9.95 33.33 7.10
N SER B 48 9.74 34.62 7.37
CA SER B 48 8.97 35.00 8.55
C SER B 48 7.47 35.14 8.30
N ASP B 49 6.98 34.88 7.08
CA ASP B 49 5.55 35.01 6.82
C ASP B 49 4.75 34.06 7.70
N PRO B 50 3.74 34.51 8.43
CA PRO B 50 3.09 33.61 9.40
C PRO B 50 2.34 32.47 8.72
N HIS B 51 2.03 32.62 7.44
CA HIS B 51 1.12 31.68 6.77
C HIS B 51 1.88 30.56 6.08
N ILE B 52 3.19 30.47 6.29
CA ILE B 52 3.99 29.39 5.72
C ILE B 52 4.28 28.33 6.75
N LYS B 53 3.80 28.47 7.99
CA LYS B 53 4.00 27.41 8.97
C LYS B 53 2.93 26.34 8.78
N LEU B 54 3.35 25.13 8.43
CA LEU B 54 2.42 24.08 8.03
C LEU B 54 2.56 22.88 8.95
N GLN B 55 1.47 22.17 9.13
CA GLN B 55 1.50 20.92 9.88
C GLN B 55 1.25 19.77 8.91
N LEU B 56 2.24 18.88 8.76
CA LEU B 56 2.06 17.65 7.98
C LEU B 56 1.59 16.51 8.88
N GLN B 57 0.58 15.78 8.45
CA GLN B 57 0.05 14.72 9.28
C GLN B 57 0.03 13.46 8.43
N ALA B 58 0.57 12.36 8.98
CA ALA B 58 0.51 11.09 8.27
C ALA B 58 -0.90 10.54 8.32
N GLU B 59 -1.52 10.30 7.16
CA GLU B 59 -2.84 9.72 7.06
C GLU B 59 -2.81 8.21 6.89
N GLU B 60 -1.78 7.70 6.26
CA GLU B 60 -1.49 6.28 6.07
C GLU B 60 -0.05 6.25 5.57
N ARG B 61 0.52 5.05 5.41
CA ARG B 61 1.91 4.96 4.99
C ARG B 61 2.10 5.72 3.66
N GLY B 62 3.02 6.68 3.68
CA GLY B 62 3.37 7.41 2.48
C GLY B 62 2.40 8.48 2.06
N VAL B 63 1.39 8.81 2.86
CA VAL B 63 0.34 9.77 2.50
C VAL B 63 0.23 10.81 3.60
N VAL B 64 0.18 12.09 3.22
CA VAL B 64 0.04 13.17 4.19
C VAL B 64 -1.15 14.07 3.85
N SER B 65 -1.65 14.78 4.87
CA SER B 65 -2.35 16.04 4.68
C SER B 65 -1.45 17.19 5.11
N ILE B 66 -1.73 18.37 4.59
CA ILE B 66 -0.90 19.56 4.81
C ILE B 66 -1.80 20.69 5.29
N LYS B 67 -1.64 21.11 6.54
CA LYS B 67 -2.55 22.09 7.13
C LYS B 67 -1.78 23.38 7.33
N GLY B 68 -2.36 24.49 6.87
CA GLY B 68 -1.79 25.79 7.22
C GLY B 68 -2.16 26.13 8.66
N VAL B 69 -1.16 26.34 9.54
CA VAL B 69 -1.48 26.47 10.96
C VAL B 69 -2.32 27.72 11.23
N ILE B 70 -1.88 28.88 10.73
CA ILE B 70 -2.60 30.12 11.03
C ILE B 70 -3.89 30.19 10.21
N ALA B 71 -3.88 29.72 8.97
CA ALA B 71 -5.10 29.73 8.16
C ALA B 71 -6.14 28.77 8.72
N ASN B 72 -5.71 27.70 9.39
CA ASN B 72 -6.61 26.66 9.86
C ASN B 72 -7.35 26.00 8.71
N ARG B 73 -6.61 25.72 7.63
CA ARG B 73 -7.22 25.12 6.45
C ARG B 73 -6.23 24.09 5.87
N TYR B 74 -6.78 23.09 5.20
CA TYR B 74 -5.98 22.00 4.63
C TYR B 74 -5.81 22.18 3.12
N LEU B 75 -4.59 21.94 2.64
CA LEU B 75 -4.34 22.00 1.21
C LEU B 75 -5.15 20.96 0.47
N ALA B 76 -5.81 21.38 -0.61
CA ALA B 76 -6.53 20.48 -1.48
C ALA B 76 -6.16 20.75 -2.93
N MET B 77 -6.12 19.69 -3.73
CA MET B 77 -6.09 19.81 -5.19
C MET B 77 -7.44 19.40 -5.77
N LYS B 78 -8.01 20.28 -6.57
CA LYS B 78 -9.32 20.09 -7.18
C LYS B 78 -9.20 19.36 -8.51
N GLU B 79 -10.38 19.00 -9.05
CA GLU B 79 -10.44 18.12 -10.20
C GLU B 79 -9.93 18.77 -11.48
N ASP B 80 -9.74 20.12 -11.51
CA ASP B 80 -9.09 20.80 -12.61
C ASP B 80 -7.63 21.08 -12.31
N GLY B 81 -7.15 20.62 -11.16
CA GLY B 81 -5.75 20.85 -10.88
C GLY B 81 -5.43 22.07 -10.07
N ARG B 82 -6.43 22.87 -9.71
CA ARG B 82 -6.19 24.09 -8.91
C ARG B 82 -5.88 23.68 -7.47
N LEU B 83 -5.06 24.48 -6.81
CA LEU B 83 -4.86 24.35 -5.36
C LEU B 83 -5.73 25.34 -4.60
N LEU B 84 -6.32 24.85 -3.52
CA LEU B 84 -7.06 25.71 -2.62
C LEU B 84 -6.91 25.12 -1.25
N ALA B 85 -7.35 25.82 -0.24
CA ALA B 85 -7.30 25.25 1.09
C ALA B 85 -8.67 25.25 1.73
N SER B 86 -9.08 24.11 2.24
CA SER B 86 -10.43 23.90 2.75
C SER B 86 -10.46 23.82 4.26
N LYS B 87 -11.60 24.21 4.84
CA LYS B 87 -11.73 24.11 6.30
C LYS B 87 -11.86 22.67 6.75
N ILE B 88 -12.38 21.80 5.88
CA ILE B 88 -12.62 20.40 6.20
C ILE B 88 -11.63 19.52 5.44
N VAL B 89 -11.29 18.41 6.04
CA VAL B 89 -10.46 17.41 5.37
C VAL B 89 -11.37 16.61 4.45
N THR B 90 -11.09 16.63 3.15
CA THR B 90 -11.82 15.83 2.16
C THR B 90 -10.86 14.93 1.43
N ASP B 91 -11.40 14.08 0.54
CA ASP B 91 -10.52 13.18 -0.20
C ASP B 91 -9.58 13.90 -1.16
N GLU B 92 -9.74 15.21 -1.34
CA GLU B 92 -8.86 15.98 -2.17
C GLU B 92 -7.69 16.54 -1.39
N CYS B 93 -7.59 16.23 -0.11
CA CYS B 93 -6.60 16.80 0.78
C CYS B 93 -5.46 15.85 1.09
N PHE B 94 -5.33 14.74 0.36
CA PHE B 94 -4.33 13.71 0.68
C PHE B 94 -3.34 13.55 -0.45
N PHE B 95 -2.06 13.48 -0.11
CA PHE B 95 -0.98 13.48 -1.08
C PHE B 95 0.03 12.40 -0.75
N PHE B 96 0.49 11.68 -1.78
CA PHE B 96 1.64 10.79 -1.62
C PHE B 96 2.87 11.66 -1.45
N GLU B 97 3.59 11.47 -0.36
CA GLU B 97 4.85 12.17 -0.08
C GLU B 97 6.02 11.27 -0.44
N ARG B 98 6.90 11.72 -1.32
CA ARG B 98 8.02 10.89 -1.74
C ARG B 98 9.31 11.68 -1.73
N LEU B 99 10.41 11.04 -1.33
CA LEU B 99 11.72 11.66 -1.33
C LEU B 99 12.34 11.50 -2.70
N GLU B 100 12.78 12.61 -3.32
CA GLU B 100 13.35 12.59 -4.65
C GLU B 100 14.88 12.52 -4.60
N SER B 101 15.45 12.46 -5.81
CA SER B 101 16.90 12.23 -5.96
C SER B 101 17.72 13.41 -5.48
N ASN B 102 17.17 14.64 -5.51
CA ASN B 102 17.91 15.77 -4.99
C ASN B 102 17.58 16.04 -3.53
N ASN B 103 16.92 15.09 -2.85
CA ASN B 103 16.63 15.17 -1.44
C ASN B 103 15.54 16.17 -1.06
N TYR B 104 14.80 16.71 -2.03
CA TYR B 104 13.54 17.40 -1.82
C TYR B 104 12.44 16.35 -1.95
N ASN B 105 11.24 16.71 -1.52
CA ASN B 105 10.06 15.85 -1.59
C ASN B 105 9.12 16.29 -2.70
N THR B 106 8.29 15.38 -3.16
CA THR B 106 7.13 15.67 -3.98
C THR B 106 5.88 15.25 -3.24
N TYR B 107 4.74 15.87 -3.62
CA TYR B 107 3.42 15.66 -3.03
C TYR B 107 2.46 15.45 -4.20
N ARG B 108 2.06 14.20 -4.46
CA ARG B 108 1.24 13.82 -5.60
C ARG B 108 -0.17 13.52 -5.10
N SER B 109 -1.17 14.06 -5.77
CA SER B 109 -2.55 13.87 -5.34
C SER B 109 -2.92 12.39 -5.31
N ARG B 110 -3.50 11.96 -4.19
CA ARG B 110 -4.00 10.58 -4.13
C ARG B 110 -5.28 10.41 -4.93
N LYS B 111 -6.00 11.50 -5.20
CA LYS B 111 -7.22 11.43 -5.97
C LYS B 111 -6.99 11.60 -7.47
N TYR B 112 -6.13 12.52 -7.88
CA TYR B 112 -5.88 12.83 -9.28
C TYR B 112 -4.42 12.46 -9.51
N THR B 113 -4.18 11.19 -9.82
CA THR B 113 -2.89 10.59 -9.46
C THR B 113 -1.74 10.90 -10.41
N SER B 114 -1.98 11.66 -11.45
CA SER B 114 -0.85 12.10 -12.26
C SER B 114 -0.34 13.47 -11.85
N TRP B 115 -1.01 14.15 -10.90
CA TRP B 115 -0.78 15.56 -10.69
C TRP B 115 -0.13 15.86 -9.35
N TYR B 116 0.73 16.89 -9.34
CA TYR B 116 1.52 17.23 -8.14
C TYR B 116 1.18 18.59 -7.62
N VAL B 117 1.32 18.77 -6.29
CA VAL B 117 1.40 20.11 -5.70
C VAL B 117 2.62 20.85 -6.27
N ALA B 118 2.44 22.10 -6.72
CA ALA B 118 3.53 22.77 -7.45
C ALA B 118 3.30 24.27 -7.43
N LEU B 119 4.40 25.02 -7.43
CA LEU B 119 4.37 26.47 -7.57
C LEU B 119 5.08 26.89 -8.84
N LYS B 120 4.48 27.88 -9.53
CA LYS B 120 5.12 28.50 -10.68
C LYS B 120 6.20 29.50 -10.24
N ARG B 121 7.06 29.89 -11.22
CA ARG B 121 8.10 30.88 -10.94
C ARG B 121 7.53 32.23 -10.58
N THR B 122 6.23 32.46 -10.79
CA THR B 122 5.57 33.70 -10.39
C THR B 122 5.11 33.72 -8.94
N GLY B 123 5.10 32.58 -8.27
CA GLY B 123 4.51 32.45 -6.94
C GLY B 123 3.08 31.91 -6.92
N GLN B 124 2.42 31.90 -8.06
CA GLN B 124 1.09 31.29 -8.09
C GLN B 124 1.23 29.78 -8.11
N TYR B 125 0.20 29.08 -7.63
CA TYR B 125 0.20 27.63 -7.84
C TYR B 125 0.23 27.29 -9.33
N LYS B 126 0.79 26.11 -9.63
CA LYS B 126 0.84 25.58 -10.99
C LYS B 126 -0.26 24.53 -11.10
N LEU B 127 -1.12 24.65 -12.11
CA LEU B 127 -2.22 23.70 -12.23
C LEU B 127 -1.70 22.27 -12.38
N GLY B 128 -2.35 21.33 -11.67
CA GLY B 128 -2.04 19.90 -11.75
C GLY B 128 -1.71 19.38 -13.15
N PRO B 129 -2.60 19.59 -14.13
CA PRO B 129 -2.33 19.05 -15.48
C PRO B 129 -1.06 19.57 -16.16
N LYS B 130 -0.49 20.66 -15.69
CA LYS B 130 0.77 21.17 -16.23
C LYS B 130 1.99 20.66 -15.48
N THR B 131 1.81 19.87 -14.43
CA THR B 131 2.93 19.32 -13.68
C THR B 131 3.39 18.01 -14.26
N GLY B 132 4.54 17.53 -13.79
CA GLY B 132 5.09 16.25 -14.21
C GLY B 132 6.30 15.93 -13.39
N PRO B 133 6.73 14.66 -13.44
CA PRO B 133 7.73 14.18 -12.46
C PRO B 133 9.13 14.81 -12.50
N GLY B 134 9.56 15.35 -13.60
CA GLY B 134 10.94 15.87 -13.54
C GLY B 134 11.07 17.33 -13.21
N GLN B 135 9.96 18.00 -12.88
CA GLN B 135 9.92 19.46 -12.84
C GLN B 135 10.49 20.07 -11.57
N LYS B 136 11.00 21.31 -11.68
CA LYS B 136 11.41 22.07 -10.52
C LYS B 136 10.22 22.47 -9.69
N ALA B 137 9.08 22.75 -10.35
CA ALA B 137 7.92 23.30 -9.66
C ALA B 137 7.37 22.37 -8.59
N ILE B 138 7.63 21.06 -8.71
CA ILE B 138 6.98 20.08 -7.83
C ILE B 138 7.85 19.73 -6.64
N LEU B 139 9.03 20.35 -6.49
CA LEU B 139 10.01 19.91 -5.49
C LEU B 139 9.97 20.83 -4.27
N PHE B 140 9.68 20.24 -3.08
CA PHE B 140 9.55 21.02 -1.85
C PHE B 140 10.42 20.39 -0.78
N LEU B 141 11.20 21.23 -0.08
CA LEU B 141 12.07 20.75 0.97
C LEU B 141 11.44 21.08 2.32
N PRO B 142 11.06 20.11 3.14
CA PRO B 142 10.56 20.48 4.47
C PRO B 142 11.68 20.95 5.35
N MET B 143 11.42 22.01 6.11
CA MET B 143 12.42 22.62 7.00
C MET B 143 11.74 22.98 8.32
N SER B 144 12.56 23.13 9.36
CA SER B 144 12.00 23.52 10.65
C SER B 144 11.27 24.84 10.54
N ALA B 145 10.17 24.97 11.29
CA ALA B 145 9.44 26.22 11.27
C ALA B 145 9.91 27.18 12.34
N LYS B 146 10.83 26.73 13.20
CA LYS B 146 11.42 27.56 14.27
C LYS B 146 12.50 28.46 13.72
N HIS C 17 20.45 -11.45 -11.88
CA HIS C 17 20.75 -11.47 -13.32
C HIS C 17 19.52 -11.23 -14.18
N PHE C 18 19.72 -10.43 -15.22
CA PHE C 18 18.62 -9.77 -15.90
C PHE C 18 18.21 -10.43 -17.22
N LYS C 19 19.15 -10.94 -18.01
CA LYS C 19 18.85 -11.35 -19.36
C LYS C 19 18.58 -12.85 -19.49
N GLU C 20 18.79 -13.62 -18.46
CA GLU C 20 18.65 -15.03 -18.77
C GLU C 20 17.19 -15.45 -18.59
N PRO C 21 16.79 -16.57 -19.16
CA PRO C 21 15.44 -17.11 -18.86
C PRO C 21 15.30 -17.39 -17.38
N LYS C 22 14.03 -17.45 -16.96
CA LYS C 22 13.67 -17.59 -15.57
C LYS C 22 12.58 -18.65 -15.47
N ARG C 23 12.43 -19.21 -14.28
CA ARG C 23 11.24 -19.97 -13.92
C ARG C 23 10.39 -19.08 -13.01
N LEU C 24 9.08 -19.13 -13.16
CA LEU C 24 8.20 -18.33 -12.32
C LEU C 24 7.45 -19.28 -11.39
N TYR C 25 7.76 -19.25 -10.11
CA TYR C 25 7.20 -20.17 -9.14
C TYR C 25 5.97 -19.55 -8.49
N CYS C 26 4.81 -20.22 -8.62
CA CYS C 26 3.58 -19.68 -8.09
C CYS C 26 3.42 -20.13 -6.63
N LYS C 27 3.10 -19.16 -5.76
CA LYS C 27 2.87 -19.45 -4.34
C LYS C 27 1.72 -20.41 -4.14
N ASN C 28 0.78 -20.41 -5.06
CA ASN C 28 -0.41 -21.27 -5.01
C ASN C 28 -0.04 -22.62 -5.60
N GLY C 29 0.17 -23.62 -4.72
CA GLY C 29 0.42 -24.96 -5.21
C GLY C 29 1.86 -25.26 -5.54
N GLY C 30 2.74 -24.24 -5.52
CA GLY C 30 4.12 -24.46 -5.90
C GLY C 30 4.28 -24.81 -7.34
N PHE C 31 3.37 -24.32 -8.20
CA PHE C 31 3.50 -24.62 -9.61
C PHE C 31 4.38 -23.61 -10.29
N PHE C 32 5.27 -24.10 -11.16
CA PHE C 32 5.97 -23.25 -12.13
C PHE C 32 5.07 -22.96 -13.30
N LEU C 33 5.07 -21.71 -13.78
CA LEU C 33 4.22 -21.35 -14.92
C LEU C 33 4.80 -21.98 -16.18
N ARG C 34 3.94 -22.68 -16.93
CA ARG C 34 4.37 -23.46 -18.07
C ARG C 34 3.64 -23.02 -19.33
N ILE C 35 4.39 -22.90 -20.42
CA ILE C 35 3.84 -22.51 -21.72
C ILE C 35 4.15 -23.62 -22.69
N HIS C 36 3.11 -24.28 -23.21
CA HIS C 36 3.30 -25.44 -24.05
C HIS C 36 3.37 -25.00 -25.52
N PRO C 37 4.07 -25.75 -26.40
CA PRO C 37 4.12 -25.39 -27.82
C PRO C 37 2.78 -25.30 -28.51
N ASP C 38 1.76 -25.98 -27.98
CA ASP C 38 0.40 -25.88 -28.53
C ASP C 38 -0.37 -24.68 -28.04
N GLY C 39 0.24 -23.85 -27.21
CA GLY C 39 -0.42 -22.66 -26.75
C GLY C 39 -1.06 -22.74 -25.38
N ARG C 40 -1.17 -23.92 -24.80
CA ARG C 40 -1.74 -24.03 -23.46
C ARG C 40 -0.80 -23.38 -22.44
N VAL C 41 -1.40 -22.76 -21.44
CA VAL C 41 -0.66 -22.20 -20.30
C VAL C 41 -1.23 -22.83 -19.05
N ASP C 42 -0.34 -23.33 -18.20
CA ASP C 42 -0.80 -24.03 -16.99
C ASP C 42 0.36 -24.05 -16.01
N GLY C 43 0.26 -24.90 -15.01
CA GLY C 43 1.29 -25.00 -13.98
C GLY C 43 1.79 -26.42 -13.80
N VAL C 44 3.06 -26.55 -13.44
CA VAL C 44 3.62 -27.87 -13.11
C VAL C 44 4.61 -27.72 -11.96
N ARG C 45 4.62 -28.70 -11.03
CA ARG C 45 5.54 -28.62 -9.89
C ARG C 45 6.97 -28.99 -10.24
N GLU C 46 7.20 -29.75 -11.28
CA GLU C 46 8.53 -30.28 -11.58
C GLU C 46 9.46 -29.23 -12.18
N LYS C 47 10.57 -28.96 -11.50
CA LYS C 47 11.49 -27.91 -11.91
C LYS C 47 12.23 -28.19 -13.21
N SER C 48 12.35 -29.45 -13.65
CA SER C 48 13.10 -29.78 -14.84
C SER C 48 12.24 -29.78 -16.11
N ASP C 49 10.95 -29.46 -15.99
CA ASP C 49 10.10 -29.45 -17.18
C ASP C 49 10.66 -28.44 -18.19
N PRO C 50 10.87 -28.82 -19.45
CA PRO C 50 11.51 -27.88 -20.39
C PRO C 50 10.67 -26.67 -20.72
N HIS C 51 9.37 -26.75 -20.48
CA HIS C 51 8.43 -25.70 -20.90
C HIS C 51 8.19 -24.65 -19.84
N ILE C 52 8.93 -24.69 -18.73
CA ILE C 52 8.81 -23.66 -17.69
C ILE C 52 9.94 -22.64 -17.75
N LYS C 53 10.84 -22.79 -18.71
CA LYS C 53 11.89 -21.80 -18.91
C LYS C 53 11.32 -20.67 -19.77
N LEU C 54 11.23 -19.47 -19.17
CA LEU C 54 10.53 -18.33 -19.76
C LEU C 54 11.49 -17.18 -19.93
N GLN C 55 11.29 -16.44 -20.99
CA GLN C 55 12.08 -15.22 -21.22
C GLN C 55 11.18 -14.03 -20.99
N LEU C 56 11.50 -13.25 -19.96
CA LEU C 56 10.82 -11.99 -19.72
C LEU C 56 11.57 -10.91 -20.49
N GLN C 57 10.81 -10.03 -21.14
CA GLN C 57 11.43 -8.97 -21.92
C GLN C 57 10.81 -7.66 -21.48
N ALA C 58 11.66 -6.67 -21.15
CA ALA C 58 11.12 -5.37 -20.76
C ALA C 58 10.62 -4.64 -22.00
N GLU C 59 9.32 -4.28 -22.00
CA GLU C 59 8.74 -3.60 -23.14
C GLU C 59 8.80 -2.09 -22.99
N GLU C 60 8.75 -1.66 -21.76
CA GLU C 60 8.84 -0.28 -21.29
C GLU C 60 8.95 -0.37 -19.76
N ARG C 61 9.10 0.77 -19.09
CA ARG C 61 9.30 0.71 -17.63
C ARG C 61 8.14 -0.02 -16.94
N GLY C 62 8.48 -1.06 -16.19
CA GLY C 62 7.47 -1.76 -15.44
C GLY C 62 6.58 -2.70 -16.22
N VAL C 63 6.85 -2.94 -17.49
CA VAL C 63 6.00 -3.78 -18.35
C VAL C 63 6.86 -4.85 -18.99
N VAL C 64 6.34 -6.10 -18.98
CA VAL C 64 7.06 -7.21 -19.60
C VAL C 64 6.15 -7.98 -20.55
N SER C 65 6.79 -8.63 -21.51
CA SER C 65 6.20 -9.79 -22.17
C SER C 65 6.89 -11.03 -21.60
N ILE C 66 6.19 -12.17 -21.70
CA ILE C 66 6.64 -13.44 -21.09
C ILE C 66 6.60 -14.51 -22.18
N LYS C 67 7.77 -14.95 -22.63
CA LYS C 67 7.81 -15.90 -23.76
C LYS C 67 8.25 -17.28 -23.26
N GLY C 68 7.51 -18.31 -23.62
CA GLY C 68 8.00 -19.65 -23.38
C GLY C 68 9.11 -19.96 -24.36
N VAL C 69 10.31 -20.29 -23.85
CA VAL C 69 11.47 -20.45 -24.73
C VAL C 69 11.28 -21.61 -25.69
N ILE C 70 10.92 -22.78 -25.16
CA ILE C 70 10.71 -23.95 -26.03
C ILE C 70 9.42 -23.84 -26.84
N ALA C 71 8.36 -23.34 -26.24
CA ALA C 71 7.13 -23.17 -27.01
C ALA C 71 7.24 -22.15 -28.14
N ASN C 72 8.12 -21.14 -28.00
CA ASN C 72 8.17 -20.04 -28.95
C ASN C 72 6.83 -19.32 -29.04
N ARG C 73 6.20 -19.12 -27.88
CA ARG C 73 4.93 -18.43 -27.82
C ARG C 73 4.91 -17.48 -26.63
N TYR C 74 4.13 -16.41 -26.74
CA TYR C 74 4.04 -15.39 -25.70
C TYR C 74 2.76 -15.54 -24.89
N LEU C 75 2.91 -15.43 -23.58
CA LEU C 75 1.74 -15.42 -22.70
C LEU C 75 0.81 -14.27 -23.05
N ALA C 76 -0.48 -14.58 -23.21
CA ALA C 76 -1.51 -13.57 -23.47
C ALA C 76 -2.70 -13.80 -22.54
N MET C 77 -3.32 -12.73 -22.06
CA MET C 77 -4.59 -12.85 -21.36
C MET C 77 -5.64 -12.36 -22.34
N LYS C 78 -6.63 -13.21 -22.58
CA LYS C 78 -7.69 -13.00 -23.53
C LYS C 78 -8.84 -12.23 -22.90
N GLU C 79 -9.81 -11.87 -23.78
CA GLU C 79 -10.89 -10.98 -23.38
C GLU C 79 -11.80 -11.60 -22.32
N ASP C 80 -11.83 -12.92 -22.20
CA ASP C 80 -12.57 -13.58 -21.15
C ASP C 80 -11.74 -13.90 -19.92
N GLY C 81 -10.45 -13.54 -19.94
CA GLY C 81 -9.64 -13.79 -18.78
C GLY C 81 -8.86 -15.07 -18.84
N ARG C 82 -8.98 -15.85 -19.93
CA ARG C 82 -8.18 -17.07 -20.04
C ARG C 82 -6.74 -16.73 -20.43
N LEU C 83 -5.80 -17.54 -19.97
CA LEU C 83 -4.43 -17.44 -20.45
C LEU C 83 -4.27 -18.41 -21.61
N LEU C 84 -3.73 -17.91 -22.71
CA LEU C 84 -3.33 -18.72 -23.85
C LEU C 84 -1.98 -18.14 -24.28
N ALA C 85 -1.25 -18.83 -25.13
CA ALA C 85 0.02 -18.31 -25.61
C ALA C 85 -0.01 -18.18 -27.13
N SER C 86 0.44 -17.01 -27.59
CA SER C 86 0.33 -16.56 -28.98
C SER C 86 1.67 -16.68 -29.69
N LYS C 87 1.63 -17.02 -31.00
CA LYS C 87 2.88 -17.06 -31.77
C LYS C 87 3.47 -15.66 -31.97
N ILE C 88 2.64 -14.63 -31.98
CA ILE C 88 3.03 -13.24 -32.19
C ILE C 88 2.74 -12.39 -30.96
N VAL C 89 3.49 -11.30 -30.81
CA VAL C 89 3.24 -10.33 -29.75
C VAL C 89 2.02 -9.53 -30.15
N THR C 90 1.00 -9.55 -29.33
CA THR C 90 -0.19 -8.71 -29.49
C THR C 90 -0.36 -7.85 -28.25
N ASP C 91 -1.36 -6.97 -28.29
CA ASP C 91 -1.57 -6.09 -27.14
C ASP C 91 -2.04 -6.85 -25.89
N GLU C 92 -2.41 -8.12 -26.05
CA GLU C 92 -2.80 -8.96 -24.94
C GLU C 92 -1.60 -9.63 -24.28
N CYS C 93 -0.38 -9.35 -24.77
CA CYS C 93 0.83 -10.02 -24.29
C CYS C 93 1.68 -9.17 -23.37
N PHE C 94 1.15 -8.08 -22.84
CA PHE C 94 1.92 -7.16 -22.00
C PHE C 94 1.36 -7.06 -20.61
N PHE C 95 2.24 -7.11 -19.62
CA PHE C 95 1.85 -7.17 -18.21
C PHE C 95 2.68 -6.22 -17.38
N PHE C 96 2.00 -5.52 -16.47
CA PHE C 96 2.70 -4.75 -15.43
C PHE C 96 3.33 -5.71 -14.43
N GLU C 97 4.64 -5.63 -14.23
CA GLU C 97 5.34 -6.44 -13.26
C GLU C 97 5.56 -5.62 -12.02
N ARG C 98 5.07 -6.11 -10.88
CA ARG C 98 5.23 -5.39 -9.62
C ARG C 98 5.70 -6.31 -8.53
N LEU C 99 6.67 -5.84 -7.74
CA LEU C 99 7.16 -6.57 -6.57
C LEU C 99 6.19 -6.44 -5.41
N GLU C 100 5.99 -7.58 -4.74
CA GLU C 100 5.31 -7.75 -3.48
C GLU C 100 6.33 -8.29 -2.47
N SER C 101 5.84 -8.73 -1.31
CA SER C 101 6.74 -9.12 -0.24
C SER C 101 7.43 -10.45 -0.57
N ASN C 102 8.45 -10.77 0.24
CA ASN C 102 9.26 -11.99 0.07
C ASN C 102 9.68 -12.28 -1.38
N ASN C 103 9.80 -11.22 -2.18
CA ASN C 103 10.29 -11.27 -3.54
C ASN C 103 9.30 -11.88 -4.51
N TYR C 104 8.02 -12.01 -4.14
CA TYR C 104 7.01 -12.46 -5.10
C TYR C 104 6.50 -11.26 -5.88
N ASN C 105 6.39 -11.45 -7.18
CA ASN C 105 5.87 -10.49 -8.14
C ASN C 105 4.45 -10.82 -8.56
N THR C 106 3.75 -9.82 -9.04
CA THR C 106 2.51 -10.05 -9.76
C THR C 106 2.65 -9.50 -11.18
N TYR C 107 1.77 -10.01 -12.05
CA TYR C 107 1.74 -9.72 -13.48
C TYR C 107 0.31 -9.38 -13.85
N ARG C 108 0.05 -8.10 -14.08
CA ARG C 108 -1.29 -7.55 -14.28
C ARG C 108 -1.44 -7.14 -15.74
N SER C 109 -2.52 -7.57 -16.39
CA SER C 109 -2.68 -7.27 -17.81
C SER C 109 -2.68 -5.77 -18.07
N ARG C 110 -1.87 -5.31 -19.04
CA ARG C 110 -1.91 -3.91 -19.42
C ARG C 110 -3.19 -3.59 -20.19
N LYS C 111 -3.80 -4.59 -20.82
CA LYS C 111 -5.03 -4.40 -21.56
C LYS C 111 -6.26 -4.52 -20.69
N TYR C 112 -6.31 -5.55 -19.85
CA TYR C 112 -7.45 -5.81 -18.95
C TYR C 112 -6.95 -5.55 -17.55
N THR C 113 -7.02 -4.27 -17.14
CA THR C 113 -6.14 -3.77 -16.09
C THR C 113 -6.53 -4.18 -14.67
N SER C 114 -7.64 -4.89 -14.50
CA SER C 114 -8.05 -5.46 -13.23
C SER C 114 -7.65 -6.92 -13.09
N TRP C 115 -7.09 -7.54 -14.13
CA TRP C 115 -6.91 -8.99 -14.14
C TRP C 115 -5.43 -9.38 -14.08
N TYR C 116 -5.13 -10.46 -13.36
CA TYR C 116 -3.77 -10.91 -13.13
C TYR C 116 -3.50 -12.27 -13.73
N VAL C 117 -2.25 -12.49 -14.15
CA VAL C 117 -1.79 -13.87 -14.41
C VAL C 117 -1.89 -14.67 -13.13
N ALA C 118 -2.46 -15.87 -13.18
CA ALA C 118 -2.72 -16.57 -11.93
C ALA C 118 -2.93 -18.06 -12.21
N LEU C 119 -2.56 -18.91 -11.24
CA LEU C 119 -2.77 -20.36 -11.30
C LEU C 119 -3.62 -20.78 -10.11
N LYS C 120 -4.55 -21.70 -10.39
CA LYS C 120 -5.36 -22.36 -9.37
C LYS C 120 -4.57 -23.51 -8.74
N ARG C 121 -5.07 -23.98 -7.59
CA ARG C 121 -4.41 -25.11 -6.94
C ARG C 121 -4.47 -26.40 -7.74
N THR C 122 -5.30 -26.46 -8.78
CA THR C 122 -5.36 -27.64 -9.66
C THR C 122 -4.25 -27.65 -10.70
N GLY C 123 -3.54 -26.54 -10.87
CA GLY C 123 -2.60 -26.40 -11.96
C GLY C 123 -3.18 -25.68 -13.16
N GLN C 124 -4.49 -25.46 -13.22
CA GLN C 124 -5.06 -24.73 -14.33
C GLN C 124 -4.88 -23.23 -14.11
N TYR C 125 -4.86 -22.47 -15.20
CA TYR C 125 -4.93 -21.01 -15.01
C TYR C 125 -6.22 -20.64 -14.29
N LYS C 126 -6.18 -19.50 -13.57
CA LYS C 126 -7.35 -18.90 -12.92
C LYS C 126 -7.85 -17.76 -13.80
N LEU C 127 -9.14 -17.76 -14.12
CA LEU C 127 -9.64 -16.74 -15.03
C LEU C 127 -9.45 -15.33 -14.47
N GLY C 128 -9.05 -14.41 -15.35
CA GLY C 128 -8.87 -13.02 -14.97
C GLY C 128 -9.93 -12.41 -14.04
N PRO C 129 -11.21 -12.48 -14.42
CA PRO C 129 -12.23 -11.83 -13.53
C PRO C 129 -12.32 -12.42 -12.14
N LYS C 130 -11.74 -13.60 -11.86
CA LYS C 130 -11.72 -14.15 -10.50
C LYS C 130 -10.46 -13.83 -9.73
N THR C 131 -9.52 -13.14 -10.36
CA THR C 131 -8.27 -12.82 -9.69
C THR C 131 -8.43 -11.49 -8.92
N GLY C 132 -7.48 -11.21 -8.05
CA GLY C 132 -7.46 -9.94 -7.36
C GLY C 132 -6.25 -9.86 -6.44
N PRO C 133 -5.94 -8.64 -5.94
CA PRO C 133 -4.74 -8.49 -5.14
C PRO C 133 -4.80 -9.33 -3.87
N GLY C 134 -3.65 -9.77 -3.42
CA GLY C 134 -3.57 -10.58 -2.22
C GLY C 134 -3.82 -12.07 -2.37
N GLN C 135 -4.25 -12.55 -3.53
CA GLN C 135 -4.50 -13.98 -3.66
C GLN C 135 -3.17 -14.70 -3.83
N LYS C 136 -3.09 -15.91 -3.25
CA LYS C 136 -1.89 -16.69 -3.49
C LYS C 136 -1.77 -17.00 -4.99
N ALA C 137 -2.90 -17.12 -5.69
CA ALA C 137 -2.89 -17.48 -7.10
C ALA C 137 -2.10 -16.51 -7.98
N ILE C 138 -1.96 -15.24 -7.57
CA ILE C 138 -1.33 -14.24 -8.43
C ILE C 138 0.14 -14.02 -8.13
N LEU C 139 0.70 -14.73 -7.18
CA LEU C 139 2.04 -14.41 -6.68
C LEU C 139 3.06 -15.36 -7.27
N PHE C 140 4.06 -14.81 -7.99
CA PHE C 140 5.07 -15.58 -8.68
C PHE C 140 6.48 -15.12 -8.29
N LEU C 141 7.35 -16.07 -7.95
CA LEU C 141 8.72 -15.79 -7.56
C LEU C 141 9.65 -16.10 -8.73
N PRO C 142 10.30 -15.12 -9.33
CA PRO C 142 11.24 -15.44 -10.41
C PRO C 142 12.47 -16.13 -9.84
N MET C 143 12.92 -17.17 -10.54
CA MET C 143 14.08 -17.96 -10.14
C MET C 143 14.90 -18.24 -11.38
N SER C 144 16.17 -18.57 -11.15
CA SER C 144 17.03 -18.97 -12.24
C SER C 144 16.45 -20.18 -12.96
N ALA C 145 16.65 -20.21 -14.28
CA ALA C 145 16.22 -21.32 -15.11
C ALA C 145 17.29 -22.39 -15.30
N LYS C 146 18.46 -22.22 -14.70
CA LYS C 146 19.58 -23.15 -14.88
C LYS C 146 19.30 -24.50 -14.24
C1 GU4 D . 8.63 28.07 -16.96
O5 GU4 D . 8.88 29.06 -17.97
C5 GU4 D . 8.15 28.76 -19.15
C6 GU4 D . 8.53 29.82 -20.17
O6 GU4 D . 9.95 29.92 -20.09
S6 GU4 D . 10.62 31.08 -20.86
O22 GU4 D . 10.34 32.42 -19.97
O23 GU4 D . 12.03 30.81 -21.00
O21 GU4 D . 9.97 31.18 -22.13
C4 GU4 D . 6.66 28.84 -18.87
O4 GU4 D . 5.93 28.43 -20.02
S4 GU4 D . 5.02 29.45 -20.77
O25 GU4 D . 3.97 29.98 -19.94
O26 GU4 D . 4.40 28.45 -21.90
O24 GU4 D . 5.83 30.53 -21.26
C3 GU4 D . 6.27 27.86 -17.79
O3 GU4 D . 4.90 28.01 -17.44
S3 GU4 D . 3.88 26.86 -17.63
O28 GU4 D . 4.57 25.71 -18.17
O29 GU4 D . 2.66 27.38 -18.57
O27 GU4 D . 3.27 26.47 -16.38
C2 GU4 D . 7.15 28.12 -16.58
O2 GU4 D . 6.92 27.04 -15.70
S2 GU4 D . 6.52 27.30 -14.26
O11 GU4 D . 6.47 26.18 -13.38
O12 GU4 D . 7.87 27.92 -13.76
O10 GU4 D . 5.89 28.51 -13.97
H1 GU4 D . 9.22 28.27 -16.08
H5 GU4 D . 8.40 27.78 -19.52
H61 GU4 D . 8.08 30.77 -19.91
H62 GU4 D . 8.22 29.51 -21.16
H4 GU4 D . 6.39 29.86 -18.59
H3 GU4 D . 6.46 26.86 -18.14
H2 GU4 D . 6.91 29.06 -16.11
C1 YYJ D . 9.21 25.21 -15.77
C2 YYJ D . 9.87 26.02 -16.88
C3 YYJ D . 10.56 25.15 -17.93
C4 YYJ D . 12.02 25.55 -17.95
C5 YYJ D . 12.08 26.79 -17.08
C6 YYJ D . 12.17 28.05 -17.93
O1 YYJ D . 10.14 24.27 -15.30
O1S1 YYJ D . 8.29 22.49 -15.38
O1S3 YYJ D . 8.42 25.30 -21.09
O1S4 YYJ D . 14.99 25.56 -18.43
O1S6 YYJ D . 14.13 30.35 -17.65
O2 YYJ D . 8.84 26.77 -17.50
O2S1 YYJ D . 10.64 22.16 -14.43
O2S3 YYJ D . 9.30 23.41 -20.30
O2S4 YYJ D . 14.71 25.47 -16.00
O2S6 YYJ D . 12.65 30.95 -15.63
O3 YYJ D . 10.09 25.44 -19.25
O3S1 YYJ D . 9.01 23.61 -13.29
O3S3 YYJ D . 8.03 23.97 -18.88
O3S4 YYJ D . 14.89 23.40 -17.09
O3S6 YYJ D . 13.89 28.98 -15.56
O4 YYJ D . 12.79 24.54 -17.31
O5 YYJ D . 10.88 26.86 -16.31
O6 YYJ D . 11.93 29.17 -17.06
S1 YYJ D . 9.52 23.06 -14.53
S3 YYJ D . 8.77 24.84 -19.77
S4 YYJ D . 14.33 24.72 -17.18
S6 YYJ D . 13.16 29.88 -16.42
H11 YYJ D . 8.91 25.87 -14.98
H12 YYJ D . 8.34 24.70 -16.19
H3 YYJ D . 10.45 24.09 -17.70
H4 YYJ D . 12.36 25.76 -18.96
H5 YYJ D . 12.91 26.76 -16.41
H61 YYJ D . 13.16 28.12 -18.35
H62 YYJ D . 11.43 28.03 -18.73
C1 GU4 E . -11.29 -18.10 -4.03
O5 GU4 E . -12.49 -17.65 -4.69
C5 GU4 E . -13.63 -17.57 -3.82
C6 GU4 E . -14.78 -17.04 -4.66
O6 GU4 E . -15.51 -18.13 -5.18
S6 GU4 E . -16.36 -17.81 -6.41
O22 GU4 E . -16.11 -18.94 -7.56
O23 GU4 E . -17.75 -17.80 -5.99
O21 GU4 E . -15.94 -16.48 -6.83
C4 GU4 E . -13.43 -16.65 -2.63
O4 GU4 E . -14.44 -16.93 -1.66
S4 GU4 E . -15.58 -15.97 -1.20
O25 GU4 E . -15.29 -14.75 -0.46
O26 GU4 E . -16.90 -16.28 -1.69
O24 GU4 E . -15.38 -14.95 -2.47
C3 GU4 E . -12.09 -16.92 -1.96
O3 GU4 E . -11.81 -15.87 -1.04
S3 GU4 E . -11.71 -16.15 0.48
O28 GU4 E . -10.32 -16.33 0.81
O29 GU4 E . -12.21 -14.99 1.16
O27 GU4 E . -12.56 -17.48 0.89
C2 GU4 E . -10.94 -17.07 -2.96
O2 GU4 E . -9.75 -17.55 -2.36
S2 GU4 E . -8.47 -16.68 -2.34
O11 GU4 E . -7.17 -17.30 -2.26
O12 GU4 E . -8.66 -15.26 -2.50
O10 GU4 E . -8.25 -16.90 -3.94
H1 GU4 E . -10.51 -18.08 -4.76
H5 GU4 E . -13.87 -18.57 -3.48
H61 GU4 E . -14.35 -16.43 -5.44
H62 GU4 E . -15.44 -16.45 -4.06
H4 GU4 E . -13.43 -15.62 -2.96
H3 GU4 E . -12.17 -17.86 -1.41
H2 GU4 E . -10.76 -16.11 -3.44
C1 YYJ E . -9.10 -20.28 -4.10
C2 YYJ E . -10.63 -20.39 -4.20
C3 YYJ E . -11.07 -21.83 -3.90
C4 YYJ E . -12.16 -22.05 -4.92
C5 YYJ E . -11.65 -21.27 -6.11
C6 YYJ E . -12.80 -20.75 -6.98
O1 YYJ E . -8.50 -21.34 -4.88
O1S1 YYJ E . -8.52 -21.22 -7.28
O1S3 YYJ E . -9.60 -22.15 -1.26
O1S4 YYJ E . -14.12 -23.66 -6.90
O1S6 YYJ E . -11.20 -19.91 -10.21
O2 YYJ E . -11.38 -19.42 -3.44
O2S1 YYJ E . -6.75 -22.29 -6.28
O2S3 YYJ E . -10.50 -24.20 -1.89
O2S4 YYJ E . -13.73 -25.42 -5.08
O2S6 YYJ E . -13.56 -20.74 -10.14
O3 YYJ E . -11.62 -22.07 -2.60
O3S1 YYJ E . -6.89 -19.75 -6.28
O3S3 YYJ E . -11.80 -22.80 -0.18
O3S4 YYJ E . -14.64 -23.33 -4.45
O3S6 YYJ E . -11.66 -22.00 -9.08
O4 YYJ E . -12.29 -23.44 -5.16
O5 YYJ E . -10.95 -20.16 -5.58
O6 YYJ E . -12.23 -19.95 -8.02
S1 YYJ E . -7.64 -21.16 -6.16
S3 YYJ E . -10.84 -22.84 -1.52
S4 YYJ E . -13.72 -24.00 -5.34
S6 YYJ E . -12.11 -20.66 -9.38
H11 YYJ E . -8.78 -19.32 -4.49
H12 YYJ E . -8.79 -20.37 -3.06
H3 YYJ E . -10.26 -22.52 -4.07
H4 YYJ E . -13.08 -21.63 -4.57
H5 YYJ E . -10.98 -21.89 -6.71
H61 YYJ E . -13.32 -21.59 -7.43
H62 YYJ E . -13.49 -20.16 -6.39
#